data_9IX5
#
_entry.id   9IX5
#
_cell.length_a   107.577
_cell.length_b   107.577
_cell.length_c   57.103
_cell.angle_alpha   90.00
_cell.angle_beta   90.00
_cell.angle_gamma   90.00
#
_symmetry.space_group_name_H-M   'P 43 21 2'
#
loop_
_entity.id
_entity.type
_entity.pdbx_description
1 polymer 'Thyroid hormone receptor beta'
2 polymer 'Nuclear receptor coactivator 2'
3 non-polymer '2-[(1-methoxy-7-naphthalen-2-yloxy-4-oxidanyl-isoquinolin-3-yl)carbonylamino]ethanoic acid'
4 water water
#
loop_
_entity_poly.entity_id
_entity_poly.type
_entity_poly.pdbx_seq_one_letter_code
_entity_poly.pdbx_strand_id
1 'polypeptide(L)'
;ELQKSIGHKPEPTDEEWELIKTVTEAHVATNAQGSHWKQKRKFLPEDIGQAPIVNAPEGGKVDLEAFSHFTKIITPAITR
VVDFAKKLPMFCELPCEDQIILLKGCCMEIMSLRAAVRYDPESETLTLNGEMAVTRGQLKNGGLGVVSDAIFDLGMSLSS
FNLDDTEVALLQAVLLMSSDRPGLACVERIEKYQDSFLLAFEHYINYRKHHVTHFWPKLLMKVTDLRMIGACHASRFLHM
KVECPTELFPPLFLEVFED
;
A
2 'polypeptide(L)' ENALLRYLLDKD B
#
loop_
_chem_comp.id
_chem_comp.type
_chem_comp.name
_chem_comp.formula
A1EAC non-polymer '2-[(1-methoxy-7-naphthalen-2-yloxy-4-oxidanyl-isoquinolin-3-yl)carbonylamino]ethanoic acid' 'C23 H18 N2 O6'
#
# COMPACT_ATOMS: atom_id res chain seq x y z
N LYS A 9 -16.98 22.11 -9.70
CA LYS A 9 -16.10 21.16 -9.04
C LYS A 9 -14.86 21.85 -8.47
N PRO A 10 -14.73 21.86 -7.14
CA PRO A 10 -13.61 22.55 -6.51
C PRO A 10 -12.28 21.87 -6.84
N GLU A 11 -11.33 22.67 -7.29
CA GLU A 11 -9.99 22.24 -7.64
C GLU A 11 -9.02 22.57 -6.51
N PRO A 12 -7.84 21.94 -6.48
CA PRO A 12 -6.99 22.05 -5.29
C PRO A 12 -6.60 23.47 -4.95
N THR A 13 -6.58 23.77 -3.65
CA THR A 13 -6.03 25.02 -3.16
C THR A 13 -4.51 25.00 -3.28
N ASP A 14 -3.90 26.15 -3.00
CA ASP A 14 -2.44 26.26 -3.03
C ASP A 14 -1.81 25.31 -2.01
N GLU A 15 -2.30 25.33 -0.77
CA GLU A 15 -1.77 24.47 0.26
C GLU A 15 -1.96 23.00 -0.07
N GLU A 16 -3.00 22.67 -0.83
CA GLU A 16 -3.26 21.28 -1.20
C GLU A 16 -2.35 20.84 -2.35
N TRP A 17 -1.98 21.76 -3.25
CA TRP A 17 -0.97 21.44 -4.25
C TRP A 17 0.36 21.11 -3.59
N GLU A 18 0.70 21.82 -2.50
CA GLU A 18 1.94 21.54 -1.78
C GLU A 18 1.90 20.17 -1.11
N LEU A 19 0.76 19.83 -0.50
CA LEU A 19 0.59 18.48 0.07
C LEU A 19 0.69 17.42 -1.00
N ILE A 20 0.03 17.63 -2.14
CA ILE A 20 0.13 16.71 -3.28
C ILE A 20 1.58 16.58 -3.71
N LYS A 21 2.29 17.71 -3.80
CA LYS A 21 3.71 17.69 -4.17
C LYS A 21 4.50 16.80 -3.22
N THR A 22 4.27 16.95 -1.91
CA THR A 22 5.02 16.17 -0.93
C THR A 22 4.71 14.69 -1.05
N VAL A 23 3.42 14.32 -1.08
CA VAL A 23 3.06 12.91 -1.07
C VAL A 23 3.43 12.24 -2.40
N THR A 24 3.37 12.97 -3.52
CA THR A 24 3.71 12.37 -4.80
C THR A 24 5.20 12.09 -4.90
N GLU A 25 6.03 13.02 -4.44
CA GLU A 25 7.47 12.79 -4.47
C GLU A 25 7.86 11.70 -3.48
N ALA A 26 7.21 11.63 -2.32
CA ALA A 26 7.45 10.55 -1.38
C ALA A 26 7.13 9.20 -1.99
N HIS A 27 6.03 9.11 -2.74
CA HIS A 27 5.65 7.86 -3.37
C HIS A 27 6.63 7.48 -4.47
N VAL A 28 6.98 8.43 -5.33
CA VAL A 28 7.88 8.15 -6.45
C VAL A 28 9.25 7.74 -5.94
N ALA A 29 9.73 8.38 -4.88
CA ALA A 29 11.05 8.08 -4.36
C ALA A 29 11.13 6.69 -3.72
N THR A 30 9.99 6.11 -3.35
CA THR A 30 9.95 4.80 -2.69
C THR A 30 9.24 3.74 -3.51
N ASN A 31 9.00 4.00 -4.80
CA ASN A 31 8.31 3.07 -5.69
C ASN A 31 9.35 2.45 -6.62
N ALA A 32 9.45 1.12 -6.60
CA ALA A 32 10.54 0.43 -7.28
C ALA A 32 10.49 0.66 -8.79
N GLN A 33 11.67 0.86 -9.38
CA GLN A 33 11.82 1.15 -10.80
C GLN A 33 10.98 2.35 -11.20
N GLY A 34 10.11 2.16 -12.20
CA GLY A 34 9.24 3.25 -12.64
C GLY A 34 8.63 3.03 -14.01
N TRP A 37 9.86 -0.87 -14.88
CA TRP A 37 9.34 -2.12 -14.27
C TRP A 37 8.96 -3.14 -15.34
N LYS A 38 8.14 -2.74 -16.31
CA LYS A 38 7.70 -3.65 -17.39
C LYS A 38 8.95 -4.03 -18.21
N GLN A 39 10.02 -3.24 -18.10
CA GLN A 39 11.27 -3.58 -18.76
C GLN A 39 12.25 -4.32 -17.86
N LYS A 40 11.87 -4.62 -16.62
CA LYS A 40 12.73 -5.35 -15.69
C LYS A 40 12.14 -6.68 -15.26
N ARG A 41 10.93 -7.02 -15.72
CA ARG A 41 10.17 -8.11 -15.10
C ARG A 41 10.89 -9.45 -15.24
N LYS A 42 10.95 -10.19 -14.13
CA LYS A 42 11.60 -11.49 -14.01
C LYS A 42 10.52 -12.49 -13.66
N PHE A 43 9.84 -13.02 -14.67
CA PHE A 43 8.74 -13.95 -14.44
C PHE A 43 9.19 -15.12 -13.58
N LEU A 44 8.31 -15.56 -12.69
CA LEU A 44 8.65 -16.59 -11.72
C LEU A 44 8.74 -17.96 -12.37
N ASP A 63 2.70 -25.42 0.00
CA ASP A 63 4.01 -25.38 -0.65
C ASP A 63 4.91 -24.30 -0.03
N LEU A 64 5.50 -24.58 1.14
CA LEU A 64 6.54 -23.72 1.70
C LEU A 64 7.62 -23.36 0.68
N GLU A 65 7.82 -24.15 -0.36
CA GLU A 65 8.88 -23.83 -1.29
C GLU A 65 8.53 -22.59 -2.11
N ALA A 66 7.27 -22.48 -2.55
CA ALA A 66 6.82 -21.21 -3.12
C ALA A 66 6.70 -20.13 -2.05
N PHE A 67 6.32 -20.52 -0.82
CA PHE A 67 6.23 -19.56 0.27
C PHE A 67 7.60 -19.00 0.62
N SER A 68 8.63 -19.84 0.59
CA SER A 68 9.99 -19.36 0.86
C SER A 68 10.42 -18.31 -0.16
N HIS A 69 10.23 -18.61 -1.45
CA HIS A 69 10.60 -17.66 -2.51
C HIS A 69 9.87 -16.33 -2.37
N PHE A 70 8.71 -16.31 -1.73
CA PHE A 70 7.97 -15.08 -1.53
C PHE A 70 8.36 -14.37 -0.24
N THR A 71 8.58 -15.14 0.83
CA THR A 71 8.99 -14.53 2.08
C THR A 71 10.31 -13.80 1.94
N LYS A 72 11.16 -14.25 1.03
CA LYS A 72 12.51 -13.73 0.97
C LYS A 72 12.65 -12.62 -0.04
N ILE A 73 11.52 -12.08 -0.53
CA ILE A 73 11.48 -10.88 -1.35
C ILE A 73 10.55 -9.82 -0.75
N ILE A 74 10.08 -10.02 0.47
CA ILE A 74 9.05 -9.15 1.02
C ILE A 74 9.66 -8.03 1.86
N THR A 75 10.80 -8.30 2.50
CA THR A 75 11.39 -7.29 3.38
C THR A 75 11.76 -6.00 2.64
N PRO A 76 12.26 -6.02 1.40
CA PRO A 76 12.41 -4.75 0.68
C PRO A 76 11.10 -4.03 0.46
N ALA A 77 10.02 -4.76 0.16
CA ALA A 77 8.73 -4.12 -0.10
C ALA A 77 8.18 -3.45 1.15
N ILE A 78 8.36 -4.08 2.32
CA ILE A 78 7.92 -3.47 3.56
C ILE A 78 8.73 -2.21 3.86
N THR A 79 10.02 -2.24 3.55
CA THR A 79 10.89 -1.12 3.89
C THR A 79 10.58 0.11 3.03
N ARG A 80 10.26 -0.10 1.75
CA ARG A 80 9.87 1.02 0.90
C ARG A 80 8.64 1.74 1.48
N VAL A 81 7.70 0.97 2.03
CA VAL A 81 6.53 1.57 2.67
C VAL A 81 6.95 2.41 3.88
N VAL A 82 7.93 1.91 4.65
CA VAL A 82 8.43 2.65 5.79
C VAL A 82 9.08 3.95 5.34
N ASP A 83 9.85 3.89 4.25
CA ASP A 83 10.50 5.09 3.73
C ASP A 83 9.48 6.09 3.18
N PHE A 84 8.36 5.60 2.63
CA PHE A 84 7.33 6.50 2.13
C PHE A 84 6.69 7.28 3.27
N ALA A 85 6.38 6.59 4.38
CA ALA A 85 5.78 7.26 5.52
C ALA A 85 6.73 8.28 6.14
N LYS A 86 8.03 7.94 6.21
CA LYS A 86 9.00 8.83 6.81
C LYS A 86 9.22 10.10 5.98
N LYS A 87 8.81 10.09 4.72
CA LYS A 87 8.88 11.28 3.88
C LYS A 87 7.62 12.13 3.96
N LEU A 88 6.70 11.79 4.86
CA LEU A 88 5.51 12.60 5.09
C LEU A 88 5.65 13.31 6.43
N PRO A 89 5.77 14.64 6.45
CA PRO A 89 6.00 15.33 7.73
C PRO A 89 4.91 15.08 8.77
N MET A 90 3.66 14.94 8.34
CA MET A 90 2.58 14.67 9.29
C MET A 90 2.80 13.35 9.99
N PHE A 91 3.34 12.36 9.29
CA PHE A 91 3.65 11.07 9.91
C PHE A 91 4.79 11.22 10.90
N CYS A 92 5.80 12.02 10.57
CA CYS A 92 6.95 12.19 11.44
C CYS A 92 6.61 12.93 12.73
N GLU A 93 5.53 13.72 12.73
CA GLU A 93 5.09 14.42 13.94
C GLU A 93 4.37 13.53 14.93
N LEU A 94 4.26 12.23 14.66
CA LEU A 94 3.54 11.33 15.54
C LEU A 94 4.51 10.55 16.41
N PRO A 95 4.08 10.10 17.59
CA PRO A 95 4.97 9.30 18.45
C PRO A 95 5.23 7.92 17.83
N CYS A 96 6.39 7.36 18.18
CA CYS A 96 6.90 6.20 17.47
C CYS A 96 6.00 4.98 17.62
N GLU A 97 5.23 4.90 18.71
CA GLU A 97 4.33 3.75 18.86
C GLU A 97 3.09 3.90 17.99
N ASP A 98 2.63 5.12 17.77
CA ASP A 98 1.59 5.34 16.76
C ASP A 98 2.14 5.12 15.36
N GLN A 99 3.39 5.52 15.13
CA GLN A 99 4.05 5.25 13.86
C GLN A 99 4.10 3.76 13.58
N ILE A 100 4.44 2.96 14.59
CA ILE A 100 4.53 1.51 14.42
C ILE A 100 3.17 0.93 14.10
N ILE A 101 2.14 1.35 14.83
CA ILE A 101 0.79 0.86 14.59
C ILE A 101 0.33 1.24 13.19
N LEU A 102 0.70 2.44 12.74
CA LEU A 102 0.22 2.91 11.44
C LEU A 102 0.88 2.14 10.29
N LEU A 103 2.18 1.83 10.39
CA LEU A 103 2.79 1.01 9.33
C LEU A 103 2.22 -0.40 9.35
N LYS A 104 2.11 -0.99 10.54
CA LYS A 104 1.64 -2.37 10.62
C LYS A 104 0.26 -2.53 10.00
N GLY A 105 -0.57 -1.50 10.08
CA GLY A 105 -1.92 -1.57 9.55
C GLY A 105 -2.03 -1.43 8.04
N CYS A 106 -1.21 -0.56 7.45
CA CYS A 106 -1.35 -0.21 6.04
C CYS A 106 -0.29 -0.83 5.15
N CYS A 107 0.63 -1.63 5.69
CA CYS A 107 1.77 -2.11 4.91
C CYS A 107 1.31 -2.99 3.75
N MET A 108 0.49 -4.00 4.04
CA MET A 108 0.02 -4.89 2.98
C MET A 108 -0.94 -4.19 2.03
N GLU A 109 -1.74 -3.25 2.54
CA GLU A 109 -2.66 -2.51 1.68
C GLU A 109 -1.91 -1.69 0.65
N ILE A 110 -0.85 -1.00 1.08
CA ILE A 110 -0.06 -0.20 0.15
C ILE A 110 0.70 -1.10 -0.83
N MET A 111 1.32 -2.16 -0.30
CA MET A 111 2.02 -3.10 -1.17
C MET A 111 1.07 -3.76 -2.17
N SER A 112 -0.18 -3.97 -1.78
CA SER A 112 -1.15 -4.57 -2.70
C SER A 112 -1.59 -3.56 -3.76
N LEU A 113 -1.81 -2.31 -3.38
CA LEU A 113 -2.16 -1.28 -4.34
C LEU A 113 -1.03 -1.06 -5.34
N ARG A 114 0.22 -1.07 -4.86
CA ARG A 114 1.36 -0.86 -5.74
C ARG A 114 1.52 -2.01 -6.73
N ALA A 115 1.14 -3.23 -6.33
CA ALA A 115 1.15 -4.35 -7.27
C ALA A 115 -0.07 -4.31 -8.19
N ALA A 116 -1.22 -3.85 -7.70
CA ALA A 116 -2.43 -3.85 -8.52
C ALA A 116 -2.35 -2.84 -9.66
N VAL A 117 -1.74 -1.68 -9.43
CA VAL A 117 -1.56 -0.70 -10.50
C VAL A 117 -0.51 -1.13 -11.50
N ARG A 118 0.18 -2.25 -11.26
CA ARG A 118 1.14 -2.81 -12.20
C ARG A 118 0.63 -4.12 -12.79
N TYR A 119 -0.68 -4.22 -12.99
CA TYR A 119 -1.29 -5.37 -13.64
C TYR A 119 -1.16 -5.23 -15.16
N ASP A 120 -0.62 -6.26 -15.80
CA ASP A 120 -0.55 -6.28 -17.26
C ASP A 120 -1.60 -7.23 -17.79
N PRO A 121 -2.65 -6.72 -18.46
CA PRO A 121 -3.71 -7.62 -18.95
C PRO A 121 -3.24 -8.59 -20.03
N GLU A 122 -2.16 -8.27 -20.75
CA GLU A 122 -1.71 -9.17 -21.81
C GLU A 122 -1.01 -10.39 -21.24
N SER A 123 -0.24 -10.21 -20.17
CA SER A 123 0.41 -11.33 -19.49
C SER A 123 -0.36 -11.81 -18.27
N GLU A 124 -1.39 -11.07 -17.85
CA GLU A 124 -2.17 -11.39 -16.66
C GLU A 124 -1.25 -11.56 -15.45
N THR A 125 -0.35 -10.58 -15.29
CA THR A 125 0.64 -10.60 -14.22
C THR A 125 0.58 -9.30 -13.42
N LEU A 126 0.98 -9.41 -12.16
CA LEU A 126 1.31 -8.26 -11.33
C LEU A 126 2.83 -8.18 -11.21
N THR A 127 3.34 -6.98 -10.96
CA THR A 127 4.77 -6.77 -10.80
C THR A 127 5.07 -6.48 -9.33
N LEU A 128 5.92 -7.31 -8.73
CA LEU A 128 6.34 -7.16 -7.35
C LEU A 128 7.77 -6.65 -7.32
N ASN A 129 8.06 -5.66 -6.47
CA ASN A 129 9.44 -5.14 -6.29
C ASN A 129 9.98 -4.53 -7.58
N GLY A 130 9.10 -4.14 -8.50
CA GLY A 130 9.50 -3.48 -9.76
C GLY A 130 10.13 -4.41 -10.77
N GLU A 131 10.20 -5.70 -10.49
CA GLU A 131 10.94 -6.59 -11.43
C GLU A 131 10.49 -8.04 -11.37
N MET A 132 9.34 -8.35 -10.79
CA MET A 132 8.96 -9.77 -10.64
C MET A 132 7.50 -9.98 -11.03
N ALA A 133 7.26 -10.35 -12.28
CA ALA A 133 5.91 -10.65 -12.72
C ALA A 133 5.43 -11.95 -12.07
N VAL A 134 4.22 -11.93 -11.54
CA VAL A 134 3.66 -13.11 -10.89
C VAL A 134 2.25 -13.31 -11.43
N THR A 135 1.78 -14.54 -11.41
CA THR A 135 0.44 -14.85 -11.89
C THR A 135 -0.51 -15.01 -10.71
N ARG A 136 -1.80 -15.05 -11.03
CA ARG A 136 -2.83 -15.33 -10.04
C ARG A 136 -2.53 -16.63 -9.30
N GLY A 137 -2.23 -17.70 -10.05
CA GLY A 137 -2.00 -18.99 -9.44
C GLY A 137 -0.69 -19.06 -8.68
N GLN A 138 0.37 -18.46 -9.23
CA GLN A 138 1.65 -18.43 -8.52
C GLN A 138 1.51 -17.72 -7.18
N LEU A 139 0.80 -16.59 -7.15
CA LEU A 139 0.76 -15.81 -5.94
C LEU A 139 -0.17 -16.47 -4.92
N LYS A 140 -1.24 -17.12 -5.39
CA LYS A 140 -2.15 -17.85 -4.50
C LYS A 140 -1.45 -19.04 -3.85
N ASN A 141 -0.80 -19.88 -4.66
CA ASN A 141 -0.09 -21.03 -4.11
C ASN A 141 1.18 -20.62 -3.39
N GLY A 142 1.59 -19.36 -3.50
CA GLY A 142 2.67 -18.84 -2.67
C GLY A 142 2.27 -18.50 -1.26
N GLY A 143 0.97 -18.49 -0.96
CA GLY A 143 0.54 -18.35 0.42
C GLY A 143 -0.60 -17.40 0.69
N LEU A 144 -0.92 -16.51 -0.25
CA LEU A 144 -1.96 -15.53 0.01
C LEU A 144 -3.37 -16.05 -0.22
N GLY A 145 -3.52 -17.21 -0.87
CA GLY A 145 -4.85 -17.78 -1.03
C GLY A 145 -5.75 -16.87 -1.84
N VAL A 146 -6.98 -16.68 -1.34
CA VAL A 146 -7.98 -15.90 -2.05
C VAL A 146 -7.67 -14.41 -2.05
N VAL A 147 -6.76 -13.95 -1.19
CA VAL A 147 -6.30 -12.57 -1.27
C VAL A 147 -5.63 -12.29 -2.61
N SER A 148 -5.01 -13.32 -3.20
CA SER A 148 -4.42 -13.17 -4.53
C SER A 148 -5.50 -12.81 -5.56
N ASP A 149 -6.65 -13.48 -5.49
CA ASP A 149 -7.77 -13.14 -6.36
C ASP A 149 -8.20 -11.70 -6.14
N ALA A 150 -8.27 -11.26 -4.88
CA ALA A 150 -8.76 -9.92 -4.57
C ALA A 150 -7.83 -8.84 -5.12
N ILE A 151 -6.52 -9.05 -5.04
CA ILE A 151 -5.58 -8.07 -5.58
C ILE A 151 -5.64 -8.07 -7.10
N PHE A 152 -5.74 -9.24 -7.72
CA PHE A 152 -5.78 -9.31 -9.18
C PHE A 152 -7.06 -8.70 -9.73
N ASP A 153 -8.21 -9.00 -9.10
CA ASP A 153 -9.46 -8.38 -9.53
C ASP A 153 -9.43 -6.87 -9.31
N LEU A 154 -8.72 -6.41 -8.27
CA LEU A 154 -8.57 -4.98 -8.05
C LEU A 154 -7.73 -4.35 -9.16
N GLY A 155 -6.64 -5.01 -9.55
CA GLY A 155 -5.82 -4.50 -10.63
C GLY A 155 -6.59 -4.41 -11.95
N MET A 156 -7.49 -5.37 -12.18
CA MET A 156 -8.29 -5.36 -13.40
C MET A 156 -9.20 -4.14 -13.44
N SER A 157 -9.90 -3.86 -12.33
CA SER A 157 -10.81 -2.72 -12.32
C SER A 157 -10.07 -1.38 -12.25
N LEU A 158 -8.82 -1.37 -11.78
CA LEU A 158 -8.06 -0.13 -11.71
C LEU A 158 -7.47 0.28 -13.05
N SER A 159 -7.60 -0.55 -14.09
CA SER A 159 -7.06 -0.20 -15.40
C SER A 159 -7.81 0.99 -16.01
N SER A 160 -9.15 0.92 -16.00
CA SER A 160 -9.95 2.00 -16.55
C SER A 160 -9.98 3.25 -15.67
N PHE A 161 -9.37 3.20 -14.48
CA PHE A 161 -9.30 4.38 -13.64
C PHE A 161 -8.19 5.32 -14.06
N ASN A 162 -7.13 4.79 -14.67
CA ASN A 162 -6.01 5.57 -15.17
C ASN A 162 -5.41 6.45 -14.07
N LEU A 163 -5.03 5.80 -12.97
CA LEU A 163 -4.45 6.50 -11.84
C LEU A 163 -3.00 6.88 -12.13
N ASP A 164 -2.60 8.07 -11.69
CA ASP A 164 -1.24 8.54 -11.85
C ASP A 164 -0.48 8.39 -10.53
N ASP A 165 0.79 8.81 -10.55
CA ASP A 165 1.60 8.75 -9.33
C ASP A 165 0.98 9.53 -8.19
N THR A 166 0.29 10.63 -8.50
CA THR A 166 -0.31 11.46 -7.45
C THR A 166 -1.51 10.75 -6.83
N GLU A 167 -2.39 10.20 -7.66
CA GLU A 167 -3.59 9.54 -7.14
C GLU A 167 -3.23 8.29 -6.34
N VAL A 168 -2.20 7.56 -6.76
CA VAL A 168 -1.74 6.42 -5.97
C VAL A 168 -1.13 6.89 -4.65
N ALA A 169 -0.31 7.95 -4.71
CA ALA A 169 0.30 8.48 -3.50
C ALA A 169 -0.76 8.89 -2.47
N LEU A 170 -1.79 9.58 -2.93
CA LEU A 170 -2.83 10.04 -2.01
C LEU A 170 -3.62 8.87 -1.44
N LEU A 171 -3.87 7.85 -2.26
CA LEU A 171 -4.49 6.62 -1.76
C LEU A 171 -3.67 6.00 -0.64
N GLN A 172 -2.34 5.96 -0.82
CA GLN A 172 -1.47 5.41 0.21
C GLN A 172 -1.52 6.25 1.49
N ALA A 173 -1.62 7.58 1.33
CA ALA A 173 -1.68 8.45 2.51
C ALA A 173 -2.99 8.28 3.26
N VAL A 174 -4.10 8.08 2.55
CA VAL A 174 -5.38 7.86 3.20
C VAL A 174 -5.35 6.57 4.01
N LEU A 175 -4.84 5.49 3.40
CA LEU A 175 -4.74 4.23 4.13
C LEU A 175 -3.81 4.35 5.33
N LEU A 176 -2.68 5.05 5.16
CA LEU A 176 -1.73 5.19 6.25
C LEU A 176 -2.35 5.93 7.43
N MET A 177 -3.10 6.99 7.17
CA MET A 177 -3.68 7.79 8.26
C MET A 177 -5.07 7.27 8.60
N SER A 178 -5.11 6.01 9.00
CA SER A 178 -6.35 5.37 9.47
C SER A 178 -6.37 5.47 11.00
N SER A 179 -7.35 6.22 11.52
CA SER A 179 -7.45 6.47 12.95
C SER A 179 -8.09 5.31 13.71
N ASP A 180 -8.56 4.28 13.01
CA ASP A 180 -9.22 3.14 13.64
C ASP A 180 -8.27 1.98 13.91
N ARG A 181 -6.97 2.14 13.64
CA ARG A 181 -6.02 1.08 13.94
C ARG A 181 -5.93 0.87 15.44
N PRO A 182 -6.02 -0.37 15.92
CA PRO A 182 -6.13 -0.60 17.37
C PRO A 182 -4.84 -0.24 18.10
N GLY A 183 -4.99 0.52 19.19
CA GLY A 183 -3.88 0.89 20.04
C GLY A 183 -3.42 2.32 19.90
N LEU A 184 -3.87 3.03 18.87
CA LEU A 184 -3.40 4.39 18.61
C LEU A 184 -3.67 5.31 19.80
N ALA A 185 -2.85 6.35 19.92
CA ALA A 185 -3.01 7.37 20.94
C ALA A 185 -3.48 8.71 20.38
N CYS A 186 -2.97 9.12 19.22
CA CYS A 186 -3.35 10.38 18.59
C CYS A 186 -4.46 10.17 17.57
N VAL A 187 -5.54 9.52 18.00
CA VAL A 187 -6.65 9.19 17.09
C VAL A 187 -7.16 10.43 16.36
N GLU A 188 -7.14 11.59 17.03
CA GLU A 188 -7.82 12.75 16.49
C GLU A 188 -6.94 13.62 15.61
N ARG A 189 -5.60 13.58 15.77
CA ARG A 189 -4.74 14.12 14.72
C ARG A 189 -4.77 13.26 13.48
N ILE A 190 -4.59 11.95 13.64
CA ILE A 190 -4.57 11.03 12.52
C ILE A 190 -5.82 11.17 11.66
N GLU A 191 -6.95 11.50 12.28
CA GLU A 191 -8.18 11.57 11.51
C GLU A 191 -8.25 12.92 10.81
N LYS A 192 -7.60 13.93 11.40
CA LYS A 192 -7.45 15.25 10.77
C LYS A 192 -6.50 15.19 9.58
N TYR A 193 -5.37 14.50 9.74
CA TYR A 193 -4.45 14.31 8.62
C TYR A 193 -5.15 13.63 7.45
N GLN A 194 -5.87 12.54 7.73
CA GLN A 194 -6.58 11.83 6.68
C GLN A 194 -7.61 12.72 6.00
N ASP A 195 -8.33 13.54 6.79
CA ASP A 195 -9.31 14.45 6.21
C ASP A 195 -8.64 15.47 5.32
N SER A 196 -7.42 15.91 5.67
CA SER A 196 -6.66 16.78 4.79
C SER A 196 -6.37 16.09 3.46
N PHE A 197 -5.74 14.91 3.53
CA PHE A 197 -5.44 14.16 2.32
C PHE A 197 -6.70 13.86 1.52
N LEU A 198 -7.78 13.47 2.21
CA LEU A 198 -9.01 13.12 1.50
C LEU A 198 -9.57 14.30 0.73
N LEU A 199 -9.42 15.51 1.26
CA LEU A 199 -9.94 16.69 0.59
C LEU A 199 -9.04 17.10 -0.58
N ALA A 200 -7.72 17.08 -0.38
CA ALA A 200 -6.80 17.40 -1.47
C ALA A 200 -6.89 16.36 -2.58
N PHE A 201 -7.18 15.11 -2.23
CA PHE A 201 -7.27 14.04 -3.23
C PHE A 201 -8.58 14.11 -3.99
N GLU A 202 -9.66 14.59 -3.34
CA GLU A 202 -10.92 14.79 -4.05
C GLU A 202 -10.85 16.00 -4.98
N HIS A 203 -10.20 17.08 -4.54
CA HIS A 203 -10.05 18.25 -5.39
C HIS A 203 -9.14 17.95 -6.59
N TYR A 204 -8.10 17.15 -6.37
CA TYR A 204 -7.28 16.69 -7.48
C TYR A 204 -8.12 15.93 -8.50
N ILE A 205 -9.02 15.08 -8.02
CA ILE A 205 -9.89 14.31 -8.91
C ILE A 205 -10.83 15.25 -9.65
N ASN A 206 -11.36 16.27 -8.97
CA ASN A 206 -12.15 17.29 -9.64
C ASN A 206 -11.33 17.99 -10.71
N TYR A 207 -10.12 18.44 -10.35
CA TYR A 207 -9.24 19.09 -11.31
C TYR A 207 -8.94 18.19 -12.50
N ARG A 208 -8.96 16.88 -12.29
CA ARG A 208 -8.41 15.97 -13.30
C ARG A 208 -9.47 15.38 -14.22
N LYS A 209 -10.74 15.38 -13.82
CA LYS A 209 -11.87 15.08 -14.70
C LYS A 209 -11.67 13.79 -15.49
N HIS A 210 -11.67 12.69 -14.75
CA HIS A 210 -11.64 11.38 -15.37
C HIS A 210 -12.95 11.13 -16.12
N HIS A 211 -12.85 10.38 -17.21
CA HIS A 211 -14.02 10.03 -18.02
C HIS A 211 -14.71 8.80 -17.46
N VAL A 212 -14.94 8.79 -16.14
CA VAL A 212 -15.67 7.75 -15.45
C VAL A 212 -16.69 8.41 -14.54
N THR A 213 -17.92 7.94 -14.55
CA THR A 213 -18.98 8.55 -13.77
C THR A 213 -18.86 8.19 -12.30
N HIS A 214 -19.18 9.14 -11.44
CA HIS A 214 -19.11 8.98 -9.99
C HIS A 214 -17.74 8.46 -9.58
N PHE A 215 -16.71 9.19 -9.98
CA PHE A 215 -15.34 8.72 -9.81
C PHE A 215 -14.93 8.74 -8.34
N TRP A 216 -15.15 9.86 -7.66
CA TRP A 216 -14.80 9.92 -6.24
C TRP A 216 -15.55 8.90 -5.40
N PRO A 217 -16.86 8.66 -5.57
CA PRO A 217 -17.49 7.55 -4.84
C PRO A 217 -16.86 6.20 -5.16
N LYS A 218 -16.48 5.97 -6.42
CA LYS A 218 -15.89 4.68 -6.78
C LYS A 218 -14.49 4.51 -6.20
N LEU A 219 -13.74 5.60 -6.07
CA LEU A 219 -12.42 5.51 -5.44
C LEU A 219 -12.53 5.14 -3.97
N LEU A 220 -13.50 5.73 -3.26
CA LEU A 220 -13.70 5.39 -1.86
C LEU A 220 -14.06 3.92 -1.69
N MET A 221 -14.77 3.35 -2.65
CA MET A 221 -15.03 1.92 -2.62
C MET A 221 -13.76 1.11 -2.79
N LYS A 222 -12.79 1.64 -3.54
CA LYS A 222 -11.51 0.95 -3.69
C LYS A 222 -10.71 1.00 -2.39
N VAL A 223 -10.83 2.10 -1.63
CA VAL A 223 -10.21 2.15 -0.31
C VAL A 223 -10.77 1.06 0.58
N THR A 224 -12.08 0.84 0.52
CA THR A 224 -12.69 -0.27 1.25
C THR A 224 -12.10 -1.61 0.81
N ASP A 225 -11.91 -1.78 -0.51
CA ASP A 225 -11.35 -3.03 -1.02
C ASP A 225 -9.96 -3.27 -0.47
N LEU A 226 -9.11 -2.23 -0.44
CA LEU A 226 -7.76 -2.40 0.06
C LEU A 226 -7.73 -2.63 1.57
N ARG A 227 -8.69 -2.06 2.29
CA ARG A 227 -8.77 -2.35 3.72
C ARG A 227 -9.20 -3.79 3.96
N MET A 228 -10.09 -4.31 3.11
CA MET A 228 -10.44 -5.72 3.16
C MET A 228 -9.21 -6.59 2.92
N ILE A 229 -8.39 -6.21 1.94
CA ILE A 229 -7.17 -6.95 1.64
C ILE A 229 -6.23 -6.93 2.83
N GLY A 230 -6.14 -5.77 3.51
CA GLY A 230 -5.24 -5.67 4.65
C GLY A 230 -5.61 -6.61 5.78
N ALA A 231 -6.91 -6.75 6.06
CA ALA A 231 -7.35 -7.65 7.12
C ALA A 231 -7.32 -9.11 6.70
N CYS A 232 -7.33 -9.40 5.39
CA CYS A 232 -7.26 -10.77 4.92
C CYS A 232 -5.84 -11.29 4.82
N HIS A 233 -4.87 -10.39 4.57
CA HIS A 233 -3.47 -10.76 4.81
C HIS A 233 -3.28 -11.28 6.23
N ALA A 234 -3.90 -10.59 7.20
CA ALA A 234 -3.76 -10.98 8.60
C ALA A 234 -4.29 -12.38 8.85
N SER A 235 -5.46 -12.71 8.28
CA SER A 235 -6.01 -14.04 8.46
C SER A 235 -5.14 -15.09 7.79
N ARG A 236 -4.58 -14.78 6.62
CA ARG A 236 -3.69 -15.72 5.94
C ARG A 236 -2.39 -15.92 6.70
N PHE A 237 -1.96 -14.93 7.49
CA PHE A 237 -0.73 -15.06 8.25
C PHE A 237 -0.88 -16.07 9.38
N LEU A 238 -1.86 -15.85 10.26
CA LEU A 238 -2.25 -16.84 11.25
C LEU A 238 -2.44 -18.24 10.67
N HIS A 239 -2.98 -18.36 9.45
CA HIS A 239 -3.10 -19.68 8.88
C HIS A 239 -1.73 -20.27 8.54
N MET A 240 -0.80 -19.43 8.08
CA MET A 240 0.51 -19.93 7.71
C MET A 240 1.35 -20.30 8.92
N LYS A 241 1.10 -19.67 10.06
CA LYS A 241 1.85 -19.99 11.28
C LYS A 241 1.21 -21.16 12.00
N CYS A 244 4.05 -23.90 9.88
CA CYS A 244 5.40 -23.52 9.49
C CYS A 244 6.11 -22.89 10.68
N PRO A 245 7.41 -23.15 10.81
CA PRO A 245 8.17 -22.57 11.93
C PRO A 245 8.35 -21.07 11.75
N THR A 246 8.12 -20.32 12.83
CA THR A 246 8.23 -18.87 12.78
C THR A 246 9.61 -18.42 12.30
N GLU A 247 10.64 -19.23 12.55
CA GLU A 247 11.99 -18.88 12.13
C GLU A 247 12.06 -18.75 10.61
N LEU A 248 11.35 -19.62 9.89
CA LEU A 248 11.27 -19.51 8.44
C LEU A 248 10.49 -18.27 8.03
N PHE A 249 9.94 -17.51 9.01
CA PHE A 249 9.39 -16.30 8.44
C PHE A 249 10.37 -15.17 8.68
N PRO A 250 10.67 -14.35 7.69
CA PRO A 250 11.65 -13.28 7.89
C PRO A 250 11.20 -12.34 8.99
N PRO A 251 12.15 -11.68 9.66
CA PRO A 251 11.81 -10.96 10.91
C PRO A 251 10.92 -9.73 10.70
N LEU A 252 11.07 -9.01 9.59
CA LEU A 252 10.19 -7.86 9.38
C LEU A 252 8.79 -8.29 8.98
N PHE A 253 8.69 -9.37 8.22
CA PHE A 253 7.40 -9.99 7.93
C PHE A 253 6.66 -10.33 9.22
N LEU A 254 7.38 -10.80 10.23
CA LEU A 254 6.76 -11.13 11.51
C LEU A 254 6.38 -9.88 12.28
N GLU A 255 7.19 -8.83 12.19
CA GLU A 255 6.93 -7.61 12.94
C GLU A 255 5.79 -6.80 12.38
N VAL A 256 5.47 -6.96 11.08
CA VAL A 256 4.33 -6.27 10.51
C VAL A 256 3.03 -6.91 11.00
N PHE A 257 2.97 -8.24 10.98
CA PHE A 257 1.81 -8.95 11.52
C PHE A 257 2.05 -9.30 12.99
N GLU B 1 8.84 -5.46 21.94
CA GLU B 1 9.11 -5.99 20.62
C GLU B 1 9.07 -4.90 19.55
N ASN B 2 8.79 -5.31 18.31
CA ASN B 2 8.80 -4.40 17.16
C ASN B 2 10.15 -3.71 17.00
N ALA B 3 11.22 -4.36 17.47
CA ALA B 3 12.52 -3.70 17.55
C ALA B 3 13.07 -3.34 16.18
N LEU B 4 12.93 -4.24 15.21
CA LEU B 4 13.43 -3.95 13.87
C LEU B 4 12.66 -2.79 13.24
N LEU B 5 11.33 -2.87 13.28
CA LEU B 5 10.51 -1.76 12.77
C LEU B 5 10.86 -0.45 13.48
N ARG B 6 11.13 -0.51 14.79
CA ARG B 6 11.36 0.72 15.53
C ARG B 6 12.72 1.32 15.14
N TYR B 7 13.68 0.45 14.78
CA TYR B 7 14.97 0.92 14.30
C TYR B 7 14.83 1.65 12.97
N LEU B 8 14.05 1.06 12.05
CA LEU B 8 13.89 1.67 10.73
C LEU B 8 13.17 3.01 10.81
N LEU B 9 12.34 3.20 11.84
CA LEU B 9 11.59 4.44 12.00
C LEU B 9 12.39 5.53 12.70
N ASP B 10 13.20 5.15 13.70
CA ASP B 10 14.05 6.10 14.40
C ASP B 10 15.33 6.42 13.64
N LYS B 11 15.35 6.17 12.34
CA LYS B 11 16.46 6.54 11.46
C LYS B 11 17.74 5.78 11.81
C1 A1EAC C . 1.15 -7.61 -1.31
C10 A1EAC C . 4.95 -7.23 -2.99
C11 A1EAC C . 5.40 -5.98 -3.67
C12 A1EAC C . 4.53 -4.23 -5.08
C13 A1EAC C . 5.24 -2.93 -4.74
C14 A1EAC C . 3.11 -12.93 0.99
C15 A1EAC C . 2.78 -11.75 1.66
C16 A1EAC C . 1.98 -11.80 2.75
C17 A1EAC C . 1.47 -13.00 3.23
C18 A1EAC C . 1.81 -14.20 2.55
C19 A1EAC C . 2.65 -14.14 1.42
C2 A1EAC C . 3.15 -8.47 -2.23
C3 A1EAC C . 3.99 -9.54 -1.78
C38 A1EAC C . 1.30 -15.43 3.03
C39 A1EAC C . 0.50 -15.45 4.12
C4 A1EAC C . 3.48 -10.72 -1.18
C40 A1EAC C . 0.16 -14.28 4.80
C41 A1EAC C . 0.63 -13.07 4.36
C5 A1EAC C . 4.35 -11.68 -0.73
C6 A1EAC C . 5.72 -11.56 -0.93
C7 A1EAC C . 6.23 -10.45 -1.52
C8 A1EAC C . 5.38 -9.41 -1.95
C9 A1EAC C . 5.87 -8.23 -2.58
N1 A1EAC C . 3.62 -7.38 -2.81
N2 A1EAC C . 4.44 -5.11 -3.95
O1 A1EAC C . 6.59 -5.82 -3.97
O2 A1EAC C . 5.31 -2.61 -3.55
O3 A1EAC C . 5.68 -2.27 -5.69
O4 A1EAC C . 7.19 -8.13 -2.75
O5 A1EAC C . 3.94 -12.86 -0.13
O6 A1EAC C . 1.83 -8.63 -2.05
#